data_8PAI
#
_entry.id   8PAI
#
_cell.length_a   77.675
_cell.length_b   46.434
_cell.length_c   63.788
_cell.angle_alpha   90.000
_cell.angle_beta   94.624
_cell.angle_gamma   90.000
#
_symmetry.space_group_name_H-M   'C 1 2 1'
#
loop_
_entity.id
_entity.type
_entity.pdbx_description
1 polymer 'Histidine triad nucleotide-binding protein 1'
2 non-polymer "5'-O-[N-(3-Indolepropionic acid)sulfamoyl] N2-methyl-2-aminoethenoadenosine"
3 water water
#
_entity_poly.entity_id   1
_entity_poly.type   'polypeptide(L)'
_entity_poly.pdbx_seq_one_letter_code
;MADEIAKAQVARPGGDTIFGKIIRKEIPAKIIFEDDRCLAFHDISPQAPTHFLVIPKKHISQISVAEDDDESLLGHLMIV
GKKCAADLGLNKGYRMVVNEGSDGGQSVYHVHLHVLGGRQMHWPPG
;
_entity_poly.pdbx_strand_id   A,B
#
loop_
_chem_comp.id
_chem_comp.type
_chem_comp.name
_chem_comp.formula
XKO non-polymer '5'-O-[N-(3-Indolepropionic acid)sulfamoyl] N2-methyl-2-aminoethenoadenosine' 'C24 H26 N8 O7 S'
#
# COMPACT_ATOMS: atom_id res chain seq x y z
N ALA A 11 0.19 21.16 21.66
CA ALA A 11 -0.85 20.49 22.48
C ALA A 11 -1.42 19.26 21.74
N ARG A 12 -1.45 19.31 20.39
CA ARG A 12 -2.12 18.29 19.60
C ARG A 12 -1.26 17.81 18.41
N PRO A 13 -0.15 17.06 18.68
CA PRO A 13 0.51 16.22 17.66
C PRO A 13 -0.31 15.09 17.06
N GLY A 14 -0.08 14.79 15.78
CA GLY A 14 -0.92 13.90 15.01
C GLY A 14 -2.02 14.63 14.23
N GLY A 15 -2.32 15.89 14.58
CA GLY A 15 -3.30 16.72 13.84
C GLY A 15 -4.74 16.50 14.29
N ASP A 16 -5.72 17.21 13.69
CA ASP A 16 -7.10 17.16 14.14
C ASP A 16 -8.03 16.48 13.14
N THR A 17 -7.49 15.74 12.13
CA THR A 17 -8.34 14.78 11.44
C THR A 17 -8.82 13.80 12.49
N ILE A 18 -9.81 12.99 12.13
N ILE A 18 -9.88 13.04 12.18
CA ILE A 18 -10.35 11.98 13.02
CA ILE A 18 -10.34 11.98 13.06
C ILE A 18 -9.27 10.95 13.37
C ILE A 18 -9.17 11.08 13.46
N PHE A 19 -8.23 10.84 12.54
CA PHE A 19 -7.13 9.89 12.79
C PHE A 19 -6.17 10.47 13.82
N GLY A 20 -5.93 11.78 13.74
CA GLY A 20 -5.16 12.45 14.79
C GLY A 20 -5.80 12.32 16.17
N LYS A 21 -7.13 12.46 16.24
CA LYS A 21 -7.86 12.30 17.48
C LYS A 21 -7.81 10.85 17.98
N ILE A 22 -7.84 9.88 17.07
CA ILE A 22 -7.68 8.49 17.49
C ILE A 22 -6.26 8.29 18.04
N ILE A 23 -5.23 8.84 17.37
CA ILE A 23 -3.87 8.70 17.87
C ILE A 23 -3.76 9.20 19.32
N ARG A 24 -4.45 10.30 19.63
CA ARG A 24 -4.31 10.87 20.96
C ARG A 24 -5.37 10.34 21.94
N LYS A 25 -6.13 9.29 21.54
CA LYS A 25 -7.11 8.62 22.38
C LYS A 25 -8.27 9.57 22.75
N GLU A 26 -8.55 10.55 21.88
CA GLU A 26 -9.63 11.48 22.07
C GLU A 26 -10.94 10.92 21.54
N ILE A 27 -10.82 10.02 20.57
CA ILE A 27 -11.94 9.34 19.96
C ILE A 27 -11.63 7.85 20.07
N PRO A 28 -12.53 7.02 20.64
N PRO A 28 -12.65 7.02 20.39
CA PRO A 28 -12.22 5.60 20.80
CA PRO A 28 -12.43 5.60 20.64
C PRO A 28 -12.11 4.87 19.47
C PRO A 28 -12.05 4.91 19.34
N ALA A 29 -11.25 3.84 19.44
CA ALA A 29 -11.03 2.95 18.31
C ALA A 29 -10.70 1.57 18.86
N LYS A 30 -10.70 0.56 17.99
N LYS A 30 -10.90 0.56 18.01
CA LYS A 30 -10.33 -0.80 18.40
CA LYS A 30 -10.54 -0.81 18.31
C LYS A 30 -8.90 -1.09 17.94
C LYS A 30 -9.13 -1.05 17.79
N ILE A 31 -7.92 -0.84 18.82
N ILE A 31 -8.18 -0.92 18.72
CA ILE A 31 -6.53 -0.82 18.43
CA ILE A 31 -6.76 -0.95 18.45
C ILE A 31 -5.96 -2.23 18.50
C ILE A 31 -6.27 -2.39 18.35
N ILE A 32 -5.40 -2.63 17.36
CA ILE A 32 -4.80 -3.93 17.15
C ILE A 32 -3.35 -3.89 17.59
N PHE A 33 -2.66 -2.80 17.23
CA PHE A 33 -1.24 -2.69 17.45
C PHE A 33 -0.85 -1.22 17.55
N GLU A 34 0.12 -0.93 18.42
CA GLU A 34 0.60 0.43 18.53
C GLU A 34 2.10 0.41 18.81
N ASP A 35 2.86 1.28 18.12
CA ASP A 35 4.24 1.59 18.48
C ASP A 35 4.50 3.08 18.35
N ASP A 36 5.78 3.47 18.44
CA ASP A 36 6.13 4.87 18.42
C ASP A 36 5.87 5.55 17.08
N ARG A 37 5.70 4.74 16.01
N ARG A 37 5.68 4.76 16.00
CA ARG A 37 5.64 5.26 14.64
CA ARG A 37 5.60 5.31 14.65
C ARG A 37 4.24 5.15 14.03
C ARG A 37 4.21 5.17 14.03
N CYS A 38 3.39 4.23 14.54
CA CYS A 38 2.15 3.96 13.86
C CYS A 38 1.12 3.31 14.79
N LEU A 39 -0.10 3.20 14.27
CA LEU A 39 -1.26 2.68 14.98
C LEU A 39 -2.07 1.87 13.98
N ALA A 40 -2.49 0.66 14.36
CA ALA A 40 -3.35 -0.17 13.55
C ALA A 40 -4.67 -0.36 14.31
N PHE A 41 -5.79 -0.13 13.62
CA PHE A 41 -7.09 -0.19 14.24
C PHE A 41 -8.16 -0.58 13.20
N HIS A 42 -9.26 -1.15 13.68
CA HIS A 42 -10.29 -1.65 12.79
C HIS A 42 -11.07 -0.49 12.18
N ASP A 43 -11.46 -0.66 10.92
CA ASP A 43 -12.24 0.35 10.20
C ASP A 43 -13.70 0.32 10.69
N ILE A 44 -14.34 1.49 10.76
CA ILE A 44 -15.70 1.57 11.26
C ILE A 44 -16.72 1.11 10.21
N SER A 45 -16.31 1.08 8.93
CA SER A 45 -17.20 0.69 7.83
C SER A 45 -16.52 -0.40 7.01
N PRO A 46 -16.34 -1.58 7.60
CA PRO A 46 -15.51 -2.63 6.97
C PRO A 46 -16.11 -3.16 5.68
N GLN A 47 -15.23 -3.43 4.70
CA GLN A 47 -15.63 -3.86 3.36
C GLN A 47 -15.26 -5.31 3.13
N ALA A 48 -14.76 -5.93 4.19
CA ALA A 48 -14.37 -7.33 4.17
C ALA A 48 -14.55 -7.82 5.59
N PRO A 49 -14.61 -9.16 5.81
CA PRO A 49 -14.71 -9.69 7.16
C PRO A 49 -13.67 -9.17 8.16
N THR A 50 -12.44 -8.95 7.70
CA THR A 50 -11.46 -8.19 8.46
C THR A 50 -11.04 -6.98 7.63
N HIS A 51 -11.12 -5.79 8.22
CA HIS A 51 -10.73 -4.59 7.49
C HIS A 51 -10.21 -3.58 8.51
N PHE A 52 -8.89 -3.33 8.48
CA PHE A 52 -8.26 -2.43 9.42
C PHE A 52 -7.40 -1.42 8.67
N LEU A 53 -6.94 -0.42 9.43
CA LEU A 53 -6.14 0.67 8.91
C LEU A 53 -4.83 0.67 9.67
N VAL A 54 -3.75 1.02 8.96
CA VAL A 54 -2.50 1.31 9.60
C VAL A 54 -2.15 2.76 9.25
N ILE A 55 -1.87 3.55 10.29
CA ILE A 55 -1.63 4.96 10.06
C ILE A 55 -0.33 5.36 10.76
N PRO A 56 0.40 6.32 10.19
CA PRO A 56 1.52 6.91 10.91
C PRO A 56 1.07 7.84 12.03
N LYS A 57 1.88 7.96 13.09
CA LYS A 57 1.60 8.95 14.12
C LYS A 57 1.98 10.36 13.65
N LYS A 58 3.02 10.46 12.84
CA LYS A 58 3.36 11.67 12.11
C LYS A 58 2.24 11.99 11.12
N HIS A 59 1.74 13.24 11.16
CA HIS A 59 0.71 13.62 10.20
C HIS A 59 1.35 13.90 8.85
N ILE A 60 0.98 13.07 7.86
CA ILE A 60 1.21 13.26 6.43
C ILE A 60 -0.18 13.21 5.79
N SER A 61 -0.56 14.26 5.04
CA SER A 61 -1.93 14.42 4.61
C SER A 61 -2.31 13.36 3.58
N GLN A 62 -1.39 13.04 2.67
CA GLN A 62 -1.67 12.11 1.57
C GLN A 62 -0.33 11.67 1.00
N ILE A 63 -0.33 10.56 0.26
CA ILE A 63 0.91 9.97 -0.19
C ILE A 63 1.61 10.90 -1.18
N SER A 64 0.82 11.69 -1.92
CA SER A 64 1.39 12.53 -2.97
C SER A 64 2.30 13.64 -2.42
N VAL A 65 2.19 13.98 -1.13
CA VAL A 65 3.06 14.98 -0.53
C VAL A 65 4.04 14.37 0.47
N ALA A 66 4.17 13.03 0.50
CA ALA A 66 5.15 12.42 1.39
C ALA A 66 6.56 12.84 0.98
N GLU A 67 7.41 13.04 1.98
CA GLU A 67 8.80 13.43 1.72
C GLU A 67 9.64 12.18 1.43
N ASP A 68 10.76 12.37 0.72
CA ASP A 68 11.68 11.28 0.50
C ASP A 68 12.08 10.62 1.82
N ASP A 69 12.21 11.39 2.91
N ASP A 69 12.20 11.42 2.89
CA ASP A 69 12.69 10.83 4.17
CA ASP A 69 12.65 10.96 4.19
C ASP A 69 11.52 10.27 4.99
C ASP A 69 11.58 10.11 4.88
N ASP A 70 10.37 10.10 4.35
CA ASP A 70 9.25 9.35 4.90
C ASP A 70 9.28 7.90 4.40
N GLU A 71 10.27 7.52 3.58
CA GLU A 71 10.31 6.17 3.03
C GLU A 71 10.21 5.06 4.06
N SER A 72 11.06 5.14 5.10
N SER A 72 11.05 5.13 5.11
CA SER A 72 11.14 4.11 6.13
CA SER A 72 11.11 4.06 6.09
C SER A 72 9.80 3.96 6.84
C SER A 72 9.78 3.95 6.85
N LEU A 73 9.17 5.09 7.13
CA LEU A 73 7.89 5.13 7.82
C LEU A 73 6.81 4.43 6.97
N LEU A 74 6.74 4.79 5.68
CA LEU A 74 5.77 4.17 4.79
C LEU A 74 5.97 2.64 4.72
N GLY A 75 7.22 2.20 4.60
CA GLY A 75 7.57 0.80 4.66
C GLY A 75 7.13 0.14 5.96
N HIS A 76 7.32 0.87 7.08
CA HIS A 76 6.90 0.37 8.37
C HIS A 76 5.39 0.13 8.40
N LEU A 77 4.56 0.99 7.75
CA LEU A 77 3.13 0.77 7.73
C LEU A 77 2.83 -0.59 7.10
N MET A 78 3.56 -0.94 6.04
CA MET A 78 3.30 -2.16 5.31
C MET A 78 3.77 -3.39 6.09
N ILE A 79 4.93 -3.28 6.74
CA ILE A 79 5.42 -4.36 7.60
C ILE A 79 4.47 -4.56 8.78
N VAL A 80 4.04 -3.49 9.44
CA VAL A 80 3.06 -3.62 10.51
C VAL A 80 1.75 -4.18 9.98
N GLY A 81 1.32 -3.72 8.81
CA GLY A 81 0.16 -4.30 8.17
C GLY A 81 0.24 -5.82 8.01
N LYS A 82 1.34 -6.30 7.46
CA LYS A 82 1.43 -7.73 7.19
C LYS A 82 1.52 -8.50 8.50
N LYS A 83 2.22 -7.95 9.50
N LYS A 83 2.22 -7.96 9.50
CA LYS A 83 2.31 -8.62 10.80
CA LYS A 83 2.31 -8.62 10.80
C LYS A 83 0.95 -8.68 11.48
C LYS A 83 0.94 -8.68 11.48
N CYS A 84 0.20 -7.57 11.44
CA CYS A 84 -1.15 -7.57 11.99
C CYS A 84 -2.06 -8.57 11.26
N ALA A 85 -1.95 -8.66 9.93
CA ALA A 85 -2.74 -9.60 9.17
C ALA A 85 -2.47 -11.02 9.64
N ALA A 86 -1.20 -11.35 9.86
CA ALA A 86 -0.82 -12.68 10.33
C ALA A 86 -1.37 -12.95 11.75
N ASP A 87 -1.26 -11.95 12.63
CA ASP A 87 -1.73 -12.04 14.00
C ASP A 87 -3.26 -12.21 14.06
N LEU A 88 -3.97 -11.65 13.07
CA LEU A 88 -5.42 -11.77 12.99
C LEU A 88 -5.84 -13.04 12.25
N GLY A 89 -4.89 -13.84 11.78
CA GLY A 89 -5.24 -15.13 11.20
C GLY A 89 -5.75 -15.07 9.76
N LEU A 90 -5.33 -14.05 9.00
CA LEU A 90 -5.66 -13.98 7.58
C LEU A 90 -4.69 -14.82 6.74
N ASN A 91 -4.83 -16.15 6.90
N ASN A 91 -4.79 -16.14 6.92
CA ASN A 91 -3.87 -17.10 6.37
CA ASN A 91 -3.83 -17.05 6.33
C ASN A 91 -4.10 -17.38 4.88
C ASN A 91 -4.03 -17.22 4.84
N LYS A 92 -5.23 -16.95 4.32
CA LYS A 92 -5.45 -17.14 2.90
C LYS A 92 -5.10 -15.88 2.10
N GLY A 93 -4.71 -14.79 2.78
CA GLY A 93 -4.20 -13.60 2.12
C GLY A 93 -5.06 -12.39 2.40
N TYR A 94 -4.74 -11.29 1.70
CA TYR A 94 -5.35 -10.00 1.98
C TYR A 94 -4.92 -9.01 0.90
N ARG A 95 -5.54 -7.86 0.93
CA ARG A 95 -5.24 -6.77 0.03
C ARG A 95 -4.91 -5.53 0.86
N MET A 96 -3.83 -4.84 0.48
CA MET A 96 -3.44 -3.57 1.07
C MET A 96 -3.74 -2.48 0.04
N VAL A 97 -4.30 -1.35 0.50
CA VAL A 97 -4.74 -0.26 -0.36
C VAL A 97 -4.36 1.09 0.26
N VAL A 98 -3.79 1.96 -0.57
CA VAL A 98 -3.62 3.37 -0.22
C VAL A 98 -4.38 4.17 -1.27
N ASN A 99 -5.23 5.07 -0.81
CA ASN A 99 -6.04 5.92 -1.68
C ASN A 99 -5.47 7.33 -1.69
N GLU A 100 -5.39 7.94 -2.88
CA GLU A 100 -4.91 9.30 -3.03
C GLU A 100 -5.95 10.15 -3.76
N GLY A 101 -6.35 11.22 -3.10
CA GLY A 101 -7.18 12.21 -3.74
C GLY A 101 -8.54 11.68 -4.13
N SER A 102 -9.17 12.45 -5.02
CA SER A 102 -10.56 12.28 -5.36
C SER A 102 -10.77 10.99 -6.18
N ASP A 103 -9.95 10.78 -7.20
CA ASP A 103 -10.04 9.56 -8.00
C ASP A 103 -9.74 8.29 -7.16
N GLY A 104 -8.90 8.43 -6.13
CA GLY A 104 -8.60 7.30 -5.23
C GLY A 104 -9.71 7.05 -4.21
N GLY A 105 -10.56 8.04 -4.01
CA GLY A 105 -11.62 7.95 -3.02
C GLY A 105 -11.17 8.30 -1.59
N GLN A 106 -10.06 9.03 -1.46
CA GLN A 106 -9.54 9.36 -0.15
C GLN A 106 -10.52 10.25 0.60
N SER A 107 -10.96 9.77 1.77
CA SER A 107 -11.99 10.42 2.57
C SER A 107 -11.37 11.19 3.75
N VAL A 108 -10.20 10.78 4.21
CA VAL A 108 -9.55 11.42 5.33
C VAL A 108 -8.12 11.74 4.92
N TYR A 109 -7.73 13.01 5.06
CA TYR A 109 -6.42 13.49 4.64
C TYR A 109 -5.38 13.33 5.76
N HIS A 110 -5.17 12.06 6.12
CA HIS A 110 -4.07 11.60 6.94
C HIS A 110 -3.76 10.21 6.38
N VAL A 111 -2.52 10.03 5.92
CA VAL A 111 -2.15 8.84 5.15
C VAL A 111 -2.62 7.60 5.89
N HIS A 112 -3.20 6.61 5.19
CA HIS A 112 -3.64 5.41 5.86
C HIS A 112 -3.52 4.24 4.87
N LEU A 113 -3.09 3.08 5.41
CA LEU A 113 -3.06 1.85 4.65
C LEU A 113 -4.24 0.99 5.06
N HIS A 114 -5.11 0.66 4.11
CA HIS A 114 -6.18 -0.31 4.34
C HIS A 114 -5.61 -1.72 4.25
N VAL A 115 -6.08 -2.62 5.12
CA VAL A 115 -5.80 -4.04 4.97
C VAL A 115 -7.12 -4.78 5.04
N LEU A 116 -7.46 -5.53 3.98
CA LEU A 116 -8.74 -6.20 3.85
C LEU A 116 -8.51 -7.69 3.61
N GLY A 117 -9.29 -8.53 4.31
CA GLY A 117 -9.18 -9.95 4.13
C GLY A 117 -10.36 -10.72 4.74
N GLY A 118 -10.23 -12.07 4.72
CA GLY A 118 -11.26 -12.96 5.20
C GLY A 118 -12.32 -13.26 4.15
N ARG A 119 -12.14 -12.78 2.92
CA ARG A 119 -12.97 -13.19 1.79
C ARG A 119 -12.10 -13.09 0.54
N GLN A 120 -12.59 -13.69 -0.55
CA GLN A 120 -11.97 -13.46 -1.84
C GLN A 120 -12.10 -12.00 -2.26
N MET A 121 -10.96 -11.38 -2.57
CA MET A 121 -11.00 -10.03 -3.13
C MET A 121 -10.99 -10.17 -4.65
N HIS A 122 -11.75 -9.29 -5.32
CA HIS A 122 -11.98 -9.34 -6.74
C HIS A 122 -11.10 -8.35 -7.51
N TRP A 123 -11.10 -8.48 -8.85
CA TRP A 123 -10.32 -7.62 -9.74
C TRP A 123 -11.34 -7.07 -10.75
N PRO A 124 -11.32 -5.75 -11.09
CA PRO A 124 -10.31 -4.80 -10.61
C PRO A 124 -10.53 -4.37 -9.15
N PRO A 125 -9.52 -3.74 -8.50
CA PRO A 125 -9.64 -3.34 -7.10
C PRO A 125 -10.42 -2.01 -6.98
N GLY A 126 -11.69 -2.04 -7.38
CA GLY A 126 -12.48 -0.83 -7.56
C GLY A 126 -12.20 -0.17 -8.92
N GLY B 15 13.36 -14.24 -9.97
CA GLY B 15 13.81 -14.49 -11.35
C GLY B 15 13.07 -15.65 -12.00
N ASP B 16 12.63 -16.57 -11.13
CA ASP B 16 11.70 -17.62 -11.49
C ASP B 16 10.28 -17.05 -11.63
N THR B 17 10.13 -15.75 -11.89
CA THR B 17 8.83 -15.28 -12.33
C THR B 17 8.95 -14.40 -13.57
N ILE B 18 7.78 -14.10 -14.16
CA ILE B 18 7.76 -13.21 -15.28
C ILE B 18 8.32 -11.82 -14.91
N PHE B 19 8.14 -11.40 -13.66
CA PHE B 19 8.69 -10.11 -13.23
C PHE B 19 10.22 -10.15 -13.18
N GLY B 20 10.79 -11.31 -12.82
CA GLY B 20 12.23 -11.50 -12.88
C GLY B 20 12.77 -11.36 -14.29
N LYS B 21 12.04 -11.91 -15.28
CA LYS B 21 12.40 -11.77 -16.68
C LYS B 21 12.34 -10.30 -17.09
N ILE B 22 11.38 -9.56 -16.54
CA ILE B 22 11.26 -8.17 -16.89
C ILE B 22 12.45 -7.40 -16.31
N ILE B 23 12.79 -7.68 -15.05
CA ILE B 23 13.94 -7.03 -14.43
C ILE B 23 15.22 -7.29 -15.23
N ARG B 24 15.40 -8.53 -15.72
CA ARG B 24 16.60 -8.93 -16.44
C ARG B 24 16.57 -8.47 -17.91
N LYS B 25 15.49 -7.79 -18.33
CA LYS B 25 15.33 -7.23 -19.67
C LYS B 25 15.21 -8.33 -20.73
N GLU B 26 14.73 -9.50 -20.30
CA GLU B 26 14.57 -10.65 -21.18
C GLU B 26 13.26 -10.64 -21.96
N ILE B 27 12.27 -9.87 -21.51
CA ILE B 27 11.04 -9.68 -22.28
C ILE B 27 10.69 -8.19 -22.29
N PRO B 28 9.89 -7.72 -23.26
CA PRO B 28 9.46 -6.33 -23.33
C PRO B 28 8.56 -5.92 -22.17
N ALA B 29 8.76 -4.69 -21.73
CA ALA B 29 7.92 -3.97 -20.80
C ALA B 29 8.14 -2.49 -21.09
N LYS B 30 7.07 -1.70 -20.97
N LYS B 30 7.07 -1.69 -21.02
CA LYS B 30 7.13 -0.26 -21.10
CA LYS B 30 7.24 -0.26 -21.15
C LYS B 30 7.61 0.33 -19.78
C LYS B 30 7.63 0.31 -19.79
N ILE B 31 8.93 0.54 -19.66
CA ILE B 31 9.54 1.00 -18.41
C ILE B 31 9.32 2.50 -18.25
N ILE B 32 8.89 2.87 -17.05
CA ILE B 32 8.58 4.24 -16.68
C ILE B 32 9.77 4.83 -15.92
N PHE B 33 10.37 4.02 -15.06
CA PHE B 33 11.43 4.49 -14.17
C PHE B 33 12.22 3.28 -13.70
N GLU B 34 13.55 3.46 -13.56
CA GLU B 34 14.38 2.41 -12.99
C GLU B 34 15.42 3.06 -12.09
N ASP B 35 15.80 2.37 -11.00
CA ASP B 35 16.98 2.74 -10.27
C ASP B 35 17.75 1.48 -9.93
N ASP B 36 18.60 1.55 -8.92
CA ASP B 36 19.44 0.44 -8.58
C ASP B 36 18.68 -0.65 -7.82
N ARG B 37 17.46 -0.34 -7.33
CA ARG B 37 16.76 -1.24 -6.43
C ARG B 37 15.30 -1.50 -6.79
N CYS B 38 14.74 -0.84 -7.82
CA CYS B 38 13.35 -1.06 -8.21
C CYS B 38 13.16 -0.69 -9.67
N LEU B 39 11.97 -1.03 -10.19
CA LEU B 39 11.62 -0.84 -11.57
C LEU B 39 10.13 -0.55 -11.62
N ALA B 40 9.73 0.48 -12.36
CA ALA B 40 8.34 0.77 -12.61
C ALA B 40 8.03 0.64 -14.09
N PHE B 41 6.93 -0.05 -14.39
CA PHE B 41 6.56 -0.32 -15.76
C PHE B 41 5.06 -0.48 -15.88
N HIS B 42 4.55 -0.20 -17.07
CA HIS B 42 3.12 -0.32 -17.30
C HIS B 42 2.66 -1.78 -17.22
N ASP B 43 1.48 -1.99 -16.65
CA ASP B 43 0.91 -3.33 -16.51
C ASP B 43 0.37 -3.80 -17.86
N ILE B 44 0.63 -5.05 -18.19
CA ILE B 44 0.20 -5.61 -19.47
C ILE B 44 -1.33 -5.82 -19.53
N SER B 45 -1.99 -5.90 -18.38
CA SER B 45 -3.44 -6.08 -18.33
C SER B 45 -4.09 -4.94 -17.58
N PRO B 46 -4.11 -3.71 -18.13
CA PRO B 46 -4.44 -2.53 -17.35
C PRO B 46 -5.92 -2.46 -16.97
N GLN B 47 -6.20 -2.07 -15.73
CA GLN B 47 -7.55 -1.99 -15.19
C GLN B 47 -8.06 -0.55 -15.06
N ALA B 48 -7.25 0.40 -15.50
CA ALA B 48 -7.58 1.82 -15.52
C ALA B 48 -6.82 2.46 -16.67
N PRO B 49 -7.15 3.70 -17.07
CA PRO B 49 -6.40 4.34 -18.15
C PRO B 49 -4.90 4.40 -17.89
N THR B 50 -4.50 4.55 -16.62
CA THR B 50 -3.11 4.41 -16.22
C THR B 50 -3.03 3.32 -15.14
N HIS B 51 -2.23 2.30 -15.40
CA HIS B 51 -2.08 1.15 -14.51
C HIS B 51 -0.66 0.64 -14.65
N PHE B 52 0.18 0.94 -13.64
CA PHE B 52 1.56 0.51 -13.66
C PHE B 52 1.93 -0.18 -12.35
N LEU B 53 3.07 -0.86 -12.43
CA LEU B 53 3.60 -1.62 -11.30
C LEU B 53 4.92 -1.01 -10.88
N VAL B 54 5.19 -1.10 -9.57
CA VAL B 54 6.51 -0.80 -9.06
C VAL B 54 6.96 -2.04 -8.29
N ILE B 55 8.12 -2.57 -8.67
CA ILE B 55 8.58 -3.81 -8.06
C ILE B 55 10.02 -3.61 -7.57
N PRO B 56 10.43 -4.31 -6.50
CA PRO B 56 11.85 -4.36 -6.12
C PRO B 56 12.62 -5.29 -7.03
N LYS B 57 13.92 -5.00 -7.20
CA LYS B 57 14.79 -5.90 -7.94
C LYS B 57 15.10 -7.14 -7.11
N LYS B 58 15.12 -7.01 -5.77
CA LYS B 58 15.27 -8.14 -4.87
C LYS B 58 14.03 -9.02 -4.97
N HIS B 59 14.21 -10.34 -5.07
CA HIS B 59 13.07 -11.25 -5.18
C HIS B 59 12.49 -11.52 -3.79
N ILE B 60 11.53 -10.68 -3.39
CA ILE B 60 10.63 -10.94 -2.27
C ILE B 60 9.38 -11.55 -2.87
N SER B 61 9.06 -12.79 -2.51
CA SER B 61 7.97 -13.50 -3.17
C SER B 61 6.61 -12.88 -2.87
N GLN B 62 6.42 -12.39 -1.64
CA GLN B 62 5.13 -11.92 -1.18
C GLN B 62 5.37 -11.06 0.03
N ILE B 63 4.47 -10.08 0.23
CA ILE B 63 4.67 -9.13 1.31
C ILE B 63 4.69 -9.87 2.65
N SER B 64 3.95 -10.99 2.77
CA SER B 64 3.87 -11.69 4.05
C SER B 64 5.26 -12.18 4.51
N VAL B 65 6.22 -12.35 3.60
CA VAL B 65 7.53 -12.88 3.95
C VAL B 65 8.60 -11.79 3.85
N ALA B 66 8.20 -10.52 3.70
CA ALA B 66 9.16 -9.43 3.73
C ALA B 66 9.84 -9.34 5.10
N GLU B 67 11.13 -9.03 5.10
CA GLU B 67 11.93 -8.92 6.32
C GLU B 67 11.80 -7.52 6.88
N ASP B 68 12.01 -7.36 8.18
CA ASP B 68 12.12 -6.04 8.80
C ASP B 68 13.12 -5.14 8.08
N ASP B 69 14.24 -5.72 7.63
N ASP B 69 14.24 -5.69 7.62
CA ASP B 69 15.29 -4.96 6.97
CA ASP B 69 15.27 -4.87 7.00
C ASP B 69 14.78 -4.38 5.65
C ASP B 69 14.87 -4.49 5.57
N ASP B 70 13.69 -4.95 5.11
CA ASP B 70 13.12 -4.55 3.83
C ASP B 70 12.22 -3.32 3.92
N GLU B 71 12.02 -2.72 5.11
N GLU B 71 12.11 -2.77 5.13
CA GLU B 71 11.02 -1.66 5.25
CA GLU B 71 11.17 -1.72 5.40
C GLU B 71 11.36 -0.46 4.38
C GLU B 71 11.38 -0.53 4.47
N SER B 72 12.63 -0.04 4.38
CA SER B 72 12.95 1.13 3.59
C SER B 72 12.69 0.83 2.12
N LEU B 73 13.04 -0.38 1.69
CA LEU B 73 12.81 -0.76 0.31
C LEU B 73 11.32 -0.73 -0.06
N LEU B 74 10.46 -1.22 0.83
CA LEU B 74 9.03 -1.22 0.56
C LEU B 74 8.51 0.20 0.49
N GLY B 75 8.97 1.06 1.40
CA GLY B 75 8.63 2.47 1.35
C GLY B 75 9.08 3.15 0.07
N HIS B 76 10.29 2.78 -0.39
CA HIS B 76 10.82 3.26 -1.65
C HIS B 76 9.87 2.96 -2.82
N LEU B 77 9.26 1.77 -2.84
CA LEU B 77 8.31 1.45 -3.90
C LEU B 77 7.17 2.47 -3.93
N MET B 78 6.67 2.86 -2.74
N MET B 78 6.67 2.86 -2.75
CA MET B 78 5.55 3.80 -2.67
CA MET B 78 5.57 3.81 -2.68
C MET B 78 5.99 5.22 -3.07
C MET B 78 5.99 5.22 -3.08
N ILE B 79 7.19 5.65 -2.67
CA ILE B 79 7.68 6.97 -3.07
C ILE B 79 7.88 7.01 -4.59
N VAL B 80 8.58 6.02 -5.14
CA VAL B 80 8.69 5.91 -6.58
C VAL B 80 7.31 5.91 -7.24
N GLY B 81 6.36 5.15 -6.67
CA GLY B 81 5.04 5.08 -7.28
C GLY B 81 4.37 6.45 -7.32
N LYS B 82 4.47 7.20 -6.21
CA LYS B 82 3.78 8.48 -6.20
C LYS B 82 4.50 9.49 -7.10
N LYS B 83 5.82 9.41 -7.23
CA LYS B 83 6.53 10.30 -8.15
C LYS B 83 6.21 9.96 -9.60
N CYS B 84 6.15 8.66 -9.92
CA CYS B 84 5.72 8.25 -11.25
C CYS B 84 4.30 8.70 -11.57
N ALA B 85 3.38 8.57 -10.61
CA ALA B 85 2.02 8.99 -10.83
C ALA B 85 1.96 10.48 -11.20
N ALA B 86 2.73 11.30 -10.46
CA ALA B 86 2.78 12.73 -10.73
C ALA B 86 3.31 12.97 -12.15
N ASP B 87 4.39 12.27 -12.53
N ASP B 87 4.36 12.24 -12.53
CA ASP B 87 5.00 12.47 -13.84
CA ASP B 87 5.04 12.41 -13.81
C ASP B 87 4.08 11.99 -14.95
C ASP B 87 4.14 11.94 -14.96
N LEU B 88 3.24 10.99 -14.67
CA LEU B 88 2.27 10.51 -15.66
C LEU B 88 1.01 11.36 -15.70
N GLY B 89 0.93 12.39 -14.85
CA GLY B 89 -0.16 13.37 -14.93
C GLY B 89 -1.44 12.95 -14.19
N LEU B 90 -1.31 12.12 -13.12
CA LEU B 90 -2.46 11.64 -12.37
C LEU B 90 -2.83 12.64 -11.27
N ASN B 91 -3.20 13.85 -11.69
CA ASN B 91 -3.40 14.92 -10.72
C ASN B 91 -4.77 14.89 -10.04
N LYS B 92 -5.74 14.09 -10.49
CA LYS B 92 -6.97 13.92 -9.73
C LYS B 92 -6.88 12.76 -8.70
N GLY B 93 -5.73 12.08 -8.64
CA GLY B 93 -5.47 11.03 -7.66
C GLY B 93 -5.32 9.63 -8.27
N TYR B 94 -5.30 8.62 -7.37
CA TYR B 94 -4.96 7.27 -7.78
C TYR B 94 -5.09 6.33 -6.57
N ARG B 95 -4.96 5.03 -6.86
CA ARG B 95 -5.03 3.99 -5.87
C ARG B 95 -3.79 3.11 -5.99
N MET B 96 -3.16 2.84 -4.83
CA MET B 96 -2.06 1.90 -4.75
C MET B 96 -2.54 0.61 -4.11
N VAL B 97 -2.11 -0.54 -4.64
CA VAL B 97 -2.60 -1.82 -4.16
C VAL B 97 -1.44 -2.80 -4.07
N VAL B 98 -1.38 -3.56 -2.97
CA VAL B 98 -0.55 -4.73 -2.86
C VAL B 98 -1.46 -5.91 -2.53
N ASN B 99 -1.35 -6.99 -3.33
CA ASN B 99 -2.12 -8.20 -3.15
C ASN B 99 -1.23 -9.29 -2.51
N GLU B 100 -1.79 -10.02 -1.56
CA GLU B 100 -1.10 -11.13 -0.91
C GLU B 100 -1.97 -12.38 -0.99
N GLY B 101 -1.39 -13.47 -1.50
CA GLY B 101 -2.03 -14.77 -1.42
C GLY B 101 -3.27 -14.88 -2.30
N SER B 102 -3.95 -16.01 -2.12
N SER B 102 -3.99 -16.00 -2.15
CA SER B 102 -5.10 -16.39 -2.92
CA SER B 102 -5.09 -16.30 -3.05
C SER B 102 -6.22 -15.36 -2.78
C SER B 102 -6.27 -15.37 -2.80
N ASP B 103 -6.62 -15.10 -1.53
CA ASP B 103 -7.71 -14.18 -1.22
C ASP B 103 -7.37 -12.77 -1.70
N GLY B 104 -6.11 -12.40 -1.65
CA GLY B 104 -5.69 -11.08 -2.11
C GLY B 104 -5.64 -10.94 -3.62
N GLY B 105 -5.69 -12.07 -4.34
CA GLY B 105 -5.57 -12.10 -5.80
C GLY B 105 -4.17 -11.76 -6.30
N GLN B 106 -3.13 -12.22 -5.57
CA GLN B 106 -1.76 -11.98 -5.97
C GLN B 106 -1.44 -12.86 -7.16
N SER B 107 -1.14 -12.24 -8.27
CA SER B 107 -1.10 -12.94 -9.53
C SER B 107 0.31 -13.43 -9.88
N VAL B 108 1.35 -12.83 -9.25
CA VAL B 108 2.76 -13.14 -9.48
C VAL B 108 3.42 -13.10 -8.11
N TYR B 109 4.17 -14.16 -7.78
N TYR B 109 4.20 -14.16 -7.84
CA TYR B 109 4.85 -14.26 -6.50
CA TYR B 109 4.94 -14.34 -6.61
C TYR B 109 6.21 -13.57 -6.61
C TYR B 109 6.25 -13.56 -6.66
N HIS B 110 6.12 -12.25 -6.91
CA HIS B 110 7.20 -11.30 -6.77
C HIS B 110 6.49 -10.02 -6.31
N VAL B 111 6.87 -9.46 -5.16
CA VAL B 111 6.11 -8.37 -4.57
C VAL B 111 5.96 -7.24 -5.58
N HIS B 112 4.74 -6.67 -5.69
CA HIS B 112 4.53 -5.61 -6.65
C HIS B 112 3.49 -4.63 -6.10
N LEU B 113 3.77 -3.36 -6.32
CA LEU B 113 2.81 -2.32 -5.98
C LEU B 113 2.08 -1.94 -7.26
N HIS B 114 0.76 -2.09 -7.32
CA HIS B 114 -0.07 -1.52 -8.39
C HIS B 114 -0.36 -0.05 -8.12
N VAL B 115 -0.37 0.74 -9.20
CA VAL B 115 -0.81 2.12 -9.12
C VAL B 115 -1.79 2.33 -10.28
N LEU B 116 -3.01 2.73 -9.95
CA LEU B 116 -4.08 2.85 -10.92
C LEU B 116 -4.72 4.24 -10.82
N GLY B 117 -4.94 4.87 -11.97
CA GLY B 117 -5.65 6.14 -11.99
C GLY B 117 -6.19 6.46 -13.38
N GLY B 118 -6.60 7.73 -13.54
CA GLY B 118 -7.19 8.16 -14.81
C GLY B 118 -8.68 7.83 -14.91
N ARG B 119 -9.27 7.28 -13.84
CA ARG B 119 -10.71 7.12 -13.70
C ARG B 119 -11.01 7.15 -12.21
N GLN B 120 -12.30 7.32 -11.89
CA GLN B 120 -12.74 7.19 -10.52
C GLN B 120 -12.56 5.73 -10.09
N MET B 121 -11.85 5.55 -8.98
CA MET B 121 -11.78 4.23 -8.37
C MET B 121 -12.92 4.09 -7.36
N HIS B 122 -13.51 2.89 -7.30
CA HIS B 122 -14.72 2.63 -6.54
C HIS B 122 -14.43 1.93 -5.23
N TRP B 123 -15.49 1.79 -4.44
CA TRP B 123 -15.40 1.17 -3.12
C TRP B 123 -16.54 0.17 -3.05
N PRO B 124 -16.36 -1.08 -2.56
CA PRO B 124 -15.08 -1.58 -2.05
C PRO B 124 -14.01 -1.79 -3.13
N PRO B 125 -12.72 -1.96 -2.72
CA PRO B 125 -11.60 -2.07 -3.66
C PRO B 125 -11.44 -3.52 -4.09
N GLY B 126 -12.48 -4.02 -4.79
CA GLY B 126 -12.67 -5.45 -4.97
C GLY B 126 -13.29 -6.15 -3.76
O5' XKO C . -10.54 5.58 3.92
C5' XKO C . -10.75 6.24 5.19
C4' XKO C . -11.37 5.27 6.12
O4' XKO C . -11.57 6.01 7.35
C3' XKO C . -12.73 4.68 5.69
O3' XKO C . -12.61 3.28 5.42
C2' XKO C . -13.66 5.04 6.85
O2' XKO C . -14.52 3.98 7.24
N9 XKO C . -13.31 6.42 8.91
C8 XKO C . -14.02 7.56 8.50
N7 XKO C . -14.58 8.21 9.50
C5 XKO C . -14.24 7.47 10.63
C6 XKO C . -14.50 7.66 12.00
N6 XKO C . -15.18 8.59 12.68
N1 XKO C . -13.96 6.68 12.87
C2 XKO C . -13.20 5.60 12.39
N3 XKO C . -12.96 5.43 11.11
C4 XKO C . -13.46 6.36 10.27
C9 XKO C . -15.08 8.18 14.01
C10 XKO C . -14.36 7.05 14.15
N2 XKO C . -12.72 4.71 13.28
S1 XKO C . -10.30 6.52 2.67
O2 XKO C . -10.09 7.85 3.15
O3 XKO C . -9.30 5.92 1.87
N4 XKO C . -11.82 6.59 1.92
C7 XKO C . -12.89 5.78 1.88
C11 XKO C . -14.02 6.25 1.00
C12 XKO C . -14.00 5.42 -0.28
C13 XKO C . -15.16 5.65 -1.20
C14 XKO C . -16.57 5.45 -0.91
C15 XKO C . -17.29 5.75 -2.08
N16 XKO C . -16.38 6.10 -3.05
C17 XKO C . -15.11 6.03 -2.51
O24 XKO C . -12.97 4.75 2.48
C25 XKO C . -17.27 5.06 0.24
C26 XKO C . -18.65 4.98 0.18
C27 XKO C . -19.34 5.29 -1.00
C28 XKO C . -18.67 5.67 -2.15
C16 XKO C . -12.68 5.43 7.99
C1 XKO C . -11.99 3.53 12.88
#